data_7F0B
#
_entry.id   7F0B
#
_cell.length_a   91.833
_cell.length_b   91.833
_cell.length_c   120.619
_cell.angle_alpha   90.000
_cell.angle_beta   90.000
_cell.angle_gamma   90.000
#
_symmetry.space_group_name_H-M   'P 42 2 2'
#
loop_
_entity.id
_entity.type
_entity.pdbx_description
1 polymer 'Capreomycin phosphotransferase'
2 non-polymer "ADENOSINE-5'-TRIPHOSPHATE"
3 water water
#
_entity_poly.entity_id   1
_entity_poly.type   'polypeptide(L)'
_entity_poly.pdbx_seq_one_letter_code
;MTLSHLVDVVRRAHPDVDLEGAGVHSGQFHDVLIARDRVFRFPKTAGAAAELPGRVAVLTAVDAVELGVGVPVPLSEVRD
GGPHGFLVLSRLHGTPLERGDATSPEVIDVVAAEFARVLRAMAGADVEKLRLVLPVADAGRWRGFAGRVRATLFPLMSED
GRARAERELAAAVAMDHVATGLVHGDLGGENVLWQQVEELPRLTGIVDWDEAKVGDPAEDLAAVGASYGPELVERVVALL
GAGDLWPRIRAYQGTFALQQALAGAEDGDDEELEDGLTAYRKLAAALEHHHHHH
;
_entity_poly.pdbx_strand_id   A
#
loop_
_chem_comp.id
_chem_comp.type
_chem_comp.name
_chem_comp.formula
ATP non-polymer ADENOSINE-5'-TRIPHOSPHATE 'C10 H16 N5 O13 P3'
#
# COMPACT_ATOMS: atom_id res chain seq x y z
N THR A 2 -11.09 -14.21 -23.21
CA THR A 2 -10.11 -15.13 -22.53
C THR A 2 -10.77 -15.73 -21.29
N LEU A 3 -11.73 -15.02 -20.69
CA LEU A 3 -12.10 -15.12 -19.25
C LEU A 3 -13.02 -16.33 -18.98
N SER A 4 -13.62 -16.91 -20.03
CA SER A 4 -14.34 -18.21 -19.93
C SER A 4 -13.38 -19.39 -20.17
N HIS A 5 -12.15 -19.14 -20.68
CA HIS A 5 -11.01 -20.09 -20.59
C HIS A 5 -10.65 -20.16 -19.10
N LEU A 6 -10.19 -19.03 -18.54
CA LEU A 6 -9.67 -18.91 -17.14
C LEU A 6 -10.63 -19.61 -16.18
N VAL A 7 -11.93 -19.37 -16.38
CA VAL A 7 -13.02 -19.88 -15.49
C VAL A 7 -13.04 -21.43 -15.50
N ASP A 8 -12.92 -22.05 -16.68
CA ASP A 8 -12.87 -23.54 -16.80
C ASP A 8 -11.60 -24.02 -16.11
N VAL A 9 -10.45 -23.35 -16.38
CA VAL A 9 -9.12 -23.59 -15.72
C VAL A 9 -9.32 -23.63 -14.20
N VAL A 10 -10.06 -22.66 -13.68
CA VAL A 10 -10.38 -22.50 -12.23
C VAL A 10 -11.20 -23.73 -11.77
N ARG A 11 -12.36 -23.96 -12.39
CA ARG A 11 -13.25 -25.12 -12.10
C ARG A 11 -12.46 -26.43 -12.28
N ARG A 12 -11.57 -26.50 -13.28
CA ARG A 12 -10.62 -27.63 -13.54
C ARG A 12 -9.70 -27.86 -12.34
N ALA A 13 -8.98 -26.82 -11.90
CA ALA A 13 -7.97 -26.87 -10.80
C ALA A 13 -8.68 -26.99 -9.45
N HIS A 14 -9.81 -26.30 -9.26
CA HIS A 14 -10.61 -26.22 -8.01
C HIS A 14 -12.08 -26.38 -8.37
N PRO A 15 -12.67 -27.60 -8.22
CA PRO A 15 -14.07 -27.84 -8.59
C PRO A 15 -15.04 -26.77 -8.05
N ASP A 16 -15.17 -26.65 -6.72
CA ASP A 16 -16.15 -25.77 -6.02
C ASP A 16 -15.62 -24.32 -5.95
N VAL A 17 -16.14 -23.42 -6.79
CA VAL A 17 -15.72 -21.98 -6.90
C VAL A 17 -16.86 -21.16 -7.52
N ASP A 18 -17.82 -20.75 -6.69
CA ASP A 18 -18.97 -19.88 -7.07
C ASP A 18 -18.44 -18.65 -7.84
N LEU A 19 -18.67 -18.58 -9.16
CA LEU A 19 -18.14 -17.52 -10.07
C LEU A 19 -19.18 -16.44 -10.39
N GLU A 20 -20.44 -16.66 -9.99
CA GLU A 20 -21.51 -15.63 -9.99
C GLU A 20 -21.43 -14.94 -8.61
N GLY A 21 -21.47 -13.61 -8.58
CA GLY A 21 -21.06 -12.77 -7.43
C GLY A 21 -19.59 -12.37 -7.51
N ALA A 22 -18.74 -13.29 -8.01
CA ALA A 22 -17.27 -13.11 -8.21
C ALA A 22 -16.97 -11.86 -9.03
N GLY A 23 -16.18 -10.94 -8.45
CA GLY A 23 -15.60 -9.75 -9.11
C GLY A 23 -14.50 -10.14 -10.09
N VAL A 24 -14.07 -9.19 -10.93
CA VAL A 24 -13.05 -9.40 -11.99
C VAL A 24 -12.36 -8.05 -12.26
N HIS A 25 -11.02 -8.03 -12.19
CA HIS A 25 -10.13 -6.91 -12.57
C HIS A 25 -9.15 -7.44 -13.63
N SER A 26 -9.40 -7.20 -14.92
CA SER A 26 -8.40 -7.48 -15.99
C SER A 26 -7.63 -6.20 -16.31
N GLY A 27 -6.92 -5.67 -15.29
CA GLY A 27 -5.95 -4.56 -15.37
C GLY A 27 -4.82 -4.85 -16.35
N GLN A 28 -3.67 -4.20 -16.19
CA GLN A 28 -2.64 -4.06 -17.25
C GLN A 28 -1.92 -5.40 -17.51
N PHE A 29 -1.43 -6.06 -16.46
CA PHE A 29 -0.52 -7.23 -16.55
C PHE A 29 -1.25 -8.54 -16.23
N HIS A 30 -2.10 -8.55 -15.19
CA HIS A 30 -2.76 -9.76 -14.64
C HIS A 30 -4.29 -9.65 -14.72
N ASP A 31 -4.98 -10.74 -15.04
CA ASP A 31 -6.44 -10.91 -14.75
C ASP A 31 -6.55 -11.49 -13.34
N VAL A 32 -7.36 -10.86 -12.50
CA VAL A 32 -7.68 -11.34 -11.12
C VAL A 32 -9.17 -11.70 -11.08
N LEU A 33 -9.48 -12.94 -10.71
CA LEU A 33 -10.85 -13.41 -10.36
C LEU A 33 -10.96 -13.29 -8.86
N ILE A 34 -11.87 -12.45 -8.36
CA ILE A 34 -12.07 -12.27 -6.89
C ILE A 34 -13.30 -13.07 -6.45
N ALA A 35 -13.10 -14.30 -5.99
CA ALA A 35 -14.17 -15.24 -5.58
C ALA A 35 -14.45 -15.06 -4.08
N ARG A 36 -15.12 -16.06 -3.49
CA ARG A 36 -15.69 -16.02 -2.12
C ARG A 36 -14.57 -15.81 -1.10
N ASP A 37 -13.73 -16.82 -0.96
CA ASP A 37 -12.66 -16.98 0.06
C ASP A 37 -11.29 -17.02 -0.63
N ARG A 38 -11.22 -16.73 -1.94
CA ARG A 38 -10.05 -17.01 -2.83
C ARG A 38 -9.95 -15.97 -3.93
N VAL A 39 -8.73 -15.66 -4.29
CA VAL A 39 -8.39 -14.75 -5.41
C VAL A 39 -7.50 -15.53 -6.39
N PHE A 40 -7.73 -15.42 -7.70
CA PHE A 40 -6.91 -16.11 -8.71
C PHE A 40 -6.23 -15.05 -9.56
N ARG A 41 -4.90 -15.03 -9.61
CA ARG A 41 -4.16 -14.08 -10.49
C ARG A 41 -3.55 -14.87 -11.66
N PHE A 42 -3.96 -14.50 -12.87
CA PHE A 42 -3.56 -15.11 -14.16
C PHE A 42 -2.84 -14.04 -14.96
N PRO A 43 -1.49 -13.99 -14.94
CA PRO A 43 -0.77 -13.02 -15.75
C PRO A 43 -1.16 -13.20 -17.23
N LYS A 44 -1.02 -12.09 -17.98
CA LYS A 44 -1.28 -11.97 -19.44
C LYS A 44 -0.08 -12.52 -20.23
N THR A 45 1.12 -12.06 -19.89
CA THR A 45 2.40 -12.26 -20.65
C THR A 45 3.43 -12.98 -19.78
N ALA A 46 4.19 -13.93 -20.35
CA ALA A 46 5.16 -14.80 -19.65
C ALA A 46 6.23 -13.95 -18.95
N GLY A 47 6.37 -12.69 -19.36
CA GLY A 47 7.16 -11.69 -18.62
C GLY A 47 6.54 -11.37 -17.26
N ALA A 48 5.23 -11.10 -17.21
CA ALA A 48 4.49 -10.68 -15.99
C ALA A 48 4.38 -11.86 -15.02
N ALA A 49 4.46 -13.10 -15.51
CA ALA A 49 4.40 -14.33 -14.69
C ALA A 49 5.59 -14.39 -13.73
N ALA A 50 6.68 -13.70 -14.01
CA ALA A 50 7.83 -13.61 -13.09
C ALA A 50 7.40 -12.97 -11.74
N GLU A 51 6.27 -12.25 -11.73
CA GLU A 51 5.75 -11.52 -10.53
C GLU A 51 5.19 -12.49 -9.52
N LEU A 52 4.71 -13.66 -9.95
CA LEU A 52 3.99 -14.59 -9.04
C LEU A 52 4.91 -15.06 -7.93
N PRO A 53 6.13 -15.58 -8.18
CA PRO A 53 6.99 -15.98 -7.07
C PRO A 53 7.47 -14.77 -6.24
N GLY A 54 7.54 -13.58 -6.83
CA GLY A 54 7.83 -12.32 -6.09
C GLY A 54 6.77 -12.03 -5.04
N ARG A 55 5.51 -12.21 -5.40
CA ARG A 55 4.36 -11.98 -4.52
C ARG A 55 4.37 -13.05 -3.46
N VAL A 56 4.64 -14.30 -3.81
CA VAL A 56 4.73 -15.37 -2.79
C VAL A 56 5.84 -14.99 -1.79
N ALA A 57 6.97 -14.54 -2.29
CA ALA A 57 8.20 -14.31 -1.46
C ALA A 57 7.91 -13.15 -0.49
N VAL A 58 7.26 -12.10 -0.97
CA VAL A 58 6.96 -10.91 -0.13
C VAL A 58 5.92 -11.31 0.92
N LEU A 59 4.80 -11.91 0.49
CA LEU A 59 3.75 -12.34 1.45
C LEU A 59 4.32 -13.32 2.48
N THR A 60 5.25 -14.20 2.10
CA THR A 60 5.82 -15.16 3.04
C THR A 60 6.70 -14.40 4.02
N ALA A 61 7.50 -13.44 3.54
CA ALA A 61 8.42 -12.67 4.40
C ALA A 61 7.59 -11.83 5.39
N VAL A 62 6.54 -11.18 4.91
CA VAL A 62 5.63 -10.35 5.76
C VAL A 62 4.93 -11.24 6.79
N ASP A 63 4.45 -12.40 6.36
CA ASP A 63 3.78 -13.38 7.25
C ASP A 63 4.74 -13.73 8.39
N ALA A 64 6.01 -13.95 8.09
CA ALA A 64 7.01 -14.42 9.05
C ALA A 64 7.30 -13.33 10.09
N VAL A 65 7.05 -12.06 9.80
CA VAL A 65 7.27 -10.97 10.80
C VAL A 65 6.27 -11.12 11.96
N GLU A 66 5.07 -11.68 11.71
CA GLU A 66 4.01 -11.89 12.74
C GLU A 66 3.50 -10.52 13.21
N LEU A 67 2.80 -9.86 12.31
CA LEU A 67 2.24 -8.51 12.52
C LEU A 67 1.08 -8.51 13.54
N GLY A 68 0.46 -9.68 13.78
CA GLY A 68 -0.80 -9.79 14.53
C GLY A 68 -2.03 -9.39 13.73
N VAL A 69 -1.94 -9.24 12.42
CA VAL A 69 -3.15 -9.06 11.57
C VAL A 69 -2.99 -9.99 10.36
N GLY A 70 -4.07 -10.26 9.62
CA GLY A 70 -4.02 -11.17 8.47
C GLY A 70 -3.30 -10.51 7.31
N VAL A 71 -2.62 -11.31 6.55
CA VAL A 71 -2.05 -10.93 5.23
C VAL A 71 -2.47 -12.03 4.25
N PRO A 72 -2.66 -11.76 2.93
CA PRO A 72 -3.07 -12.82 2.01
C PRO A 72 -2.10 -14.01 2.07
N VAL A 73 -2.65 -15.21 2.12
CA VAL A 73 -1.89 -16.50 2.20
C VAL A 73 -1.95 -17.15 0.82
N PRO A 74 -0.82 -17.56 0.21
CA PRO A 74 -0.86 -18.44 -0.97
C PRO A 74 -1.63 -19.71 -0.61
N LEU A 75 -2.74 -20.01 -1.28
CA LEU A 75 -3.56 -21.22 -0.96
C LEU A 75 -3.12 -22.36 -1.86
N SER A 76 -2.38 -22.01 -2.91
CA SER A 76 -1.85 -22.91 -3.94
C SER A 76 -0.38 -22.57 -4.07
N GLU A 77 0.43 -23.50 -4.55
CA GLU A 77 1.74 -23.21 -5.15
C GLU A 77 1.43 -22.29 -6.34
N VAL A 78 2.41 -21.61 -6.88
CA VAL A 78 2.33 -20.99 -8.20
C VAL A 78 2.24 -22.13 -9.19
N ARG A 79 1.34 -22.06 -10.15
CA ARG A 79 1.10 -23.18 -11.09
C ARG A 79 1.50 -22.70 -12.48
N ASP A 80 1.97 -23.62 -13.33
CA ASP A 80 2.25 -23.38 -14.78
C ASP A 80 1.02 -23.74 -15.64
N GLY A 81 -0.15 -24.00 -15.01
CA GLY A 81 -1.47 -24.07 -15.69
C GLY A 81 -1.87 -22.73 -16.32
N GLY A 82 -2.97 -22.69 -17.06
CA GLY A 82 -3.45 -21.44 -17.69
C GLY A 82 -2.44 -20.87 -18.68
N PRO A 83 -2.78 -19.77 -19.39
CA PRO A 83 -1.92 -19.20 -20.43
C PRO A 83 -0.44 -18.98 -20.09
N HIS A 84 -0.15 -18.58 -18.85
CA HIS A 84 1.21 -18.17 -18.40
C HIS A 84 1.37 -18.48 -16.90
N GLY A 85 0.51 -19.32 -16.34
CA GLY A 85 0.58 -19.66 -14.91
C GLY A 85 -0.46 -18.91 -14.09
N PHE A 86 -0.64 -19.32 -12.84
CA PHE A 86 -1.55 -18.59 -11.93
C PHE A 86 -1.16 -18.87 -10.48
N LEU A 87 -1.63 -17.94 -9.63
CA LEU A 87 -1.46 -18.00 -8.15
C LEU A 87 -2.83 -17.80 -7.51
N VAL A 88 -3.18 -18.68 -6.60
CA VAL A 88 -4.42 -18.56 -5.79
C VAL A 88 -4.00 -18.01 -4.41
N LEU A 89 -4.65 -16.98 -3.92
CA LEU A 89 -4.40 -16.42 -2.56
C LEU A 89 -5.71 -16.45 -1.76
N SER A 90 -5.63 -16.58 -0.44
CA SER A 90 -6.78 -16.30 0.48
C SER A 90 -7.33 -14.90 0.16
N ARG A 91 -8.65 -14.74 0.23
CA ARG A 91 -9.32 -13.43 0.29
C ARG A 91 -9.40 -13.07 1.78
N LEU A 92 -9.14 -11.81 2.08
CA LEU A 92 -9.28 -11.27 3.44
C LEU A 92 -10.62 -10.54 3.46
N HIS A 93 -11.37 -10.73 4.53
CA HIS A 93 -12.68 -10.07 4.74
C HIS A 93 -12.50 -8.82 5.61
N GLY A 94 -13.33 -7.82 5.39
CA GLY A 94 -13.38 -6.58 6.14
C GLY A 94 -13.58 -5.47 5.17
N THR A 95 -13.57 -4.25 5.67
CA THR A 95 -13.95 -3.01 4.99
C THR A 95 -12.91 -1.97 5.38
N PRO A 96 -12.48 -1.05 4.50
CA PRO A 96 -11.64 0.05 4.95
C PRO A 96 -12.40 0.83 6.03
N LEU A 97 -11.67 1.50 6.91
CA LEU A 97 -12.29 2.29 7.99
C LEU A 97 -12.48 3.69 7.40
N GLU A 98 -13.70 4.23 7.43
CA GLU A 98 -13.95 5.60 6.90
C GLU A 98 -13.45 6.58 7.96
N ARG A 99 -12.91 7.73 7.53
CA ARG A 99 -12.43 8.82 8.39
C ARG A 99 -13.42 9.03 9.53
N GLY A 100 -14.69 9.33 9.23
CA GLY A 100 -15.75 9.54 10.24
C GLY A 100 -15.88 8.38 11.21
N ASP A 101 -15.76 7.13 10.73
CA ASP A 101 -15.93 5.93 11.59
C ASP A 101 -14.76 5.85 12.58
N ALA A 102 -13.60 6.46 12.28
CA ALA A 102 -12.30 6.18 12.95
C ALA A 102 -11.99 7.22 14.03
N THR A 103 -12.66 8.36 14.01
CA THR A 103 -12.34 9.49 14.92
C THR A 103 -13.39 9.66 16.03
N SER A 104 -14.54 8.97 16.02
CA SER A 104 -15.53 9.07 17.13
C SER A 104 -14.81 8.84 18.46
N PRO A 105 -15.17 9.57 19.53
CA PRO A 105 -14.40 9.48 20.77
C PRO A 105 -14.38 8.10 21.43
N GLU A 106 -15.42 7.27 21.21
CA GLU A 106 -15.48 5.93 21.84
C GLU A 106 -14.58 4.91 21.09
N VAL A 107 -14.11 5.19 19.86
CA VAL A 107 -13.30 4.21 19.04
C VAL A 107 -11.83 4.68 18.81
N ILE A 108 -11.54 5.96 18.94
CA ILE A 108 -10.26 6.55 18.47
C ILE A 108 -9.11 5.92 19.23
N ASP A 109 -9.26 5.60 20.52
CA ASP A 109 -8.16 4.95 21.25
C ASP A 109 -7.94 3.53 20.71
N VAL A 110 -9.00 2.79 20.52
CA VAL A 110 -8.89 1.42 19.94
C VAL A 110 -8.21 1.52 18.54
N VAL A 111 -8.69 2.42 17.69
CA VAL A 111 -8.16 2.59 16.29
C VAL A 111 -6.67 2.91 16.36
N ALA A 112 -6.30 3.85 17.21
CA ALA A 112 -4.90 4.22 17.40
C ALA A 112 -4.11 2.97 17.74
N ALA A 113 -4.60 2.15 18.68
CA ALA A 113 -3.81 1.01 19.15
C ALA A 113 -3.72 -0.07 18.03
N GLU A 114 -4.75 -0.23 17.22
CA GLU A 114 -4.69 -1.19 16.08
C GLU A 114 -3.54 -0.79 15.13
N PHE A 115 -3.50 0.46 14.71
CA PHE A 115 -2.38 1.03 13.91
C PHE A 115 -1.07 0.87 14.66
N ALA A 116 -1.03 1.23 15.94
CA ALA A 116 0.21 1.13 16.74
C ALA A 116 0.69 -0.30 16.81
N ARG A 117 -0.17 -1.29 17.07
CA ARG A 117 0.39 -2.64 17.26
C ARG A 117 0.95 -3.15 15.90
N VAL A 118 0.32 -2.84 14.79
CA VAL A 118 0.87 -3.27 13.46
C VAL A 118 2.15 -2.50 13.20
N LEU A 119 2.15 -1.18 13.37
CA LEU A 119 3.36 -0.36 13.14
C LEU A 119 4.49 -0.81 14.03
N ARG A 120 4.20 -1.15 15.29
CA ARG A 120 5.25 -1.58 16.23
C ARG A 120 5.87 -2.86 15.70
N ALA A 121 5.07 -3.82 15.30
CA ALA A 121 5.62 -5.12 14.87
C ALA A 121 6.44 -4.91 13.56
N MET A 122 6.01 -4.02 12.69
CA MET A 122 6.73 -3.69 11.44
C MET A 122 8.08 -3.04 11.76
N ALA A 123 8.13 -2.11 12.73
CA ALA A 123 9.37 -1.42 13.19
C ALA A 123 10.30 -2.43 13.86
N GLY A 124 9.76 -3.48 14.46
CA GLY A 124 10.59 -4.46 15.20
C GLY A 124 10.98 -5.65 14.33
N ALA A 125 10.62 -5.66 13.05
CA ALA A 125 10.96 -6.81 12.17
C ALA A 125 12.50 -7.00 12.12
N ASP A 126 12.91 -8.24 11.94
CA ASP A 126 14.31 -8.60 11.66
C ASP A 126 14.64 -8.14 10.23
N VAL A 127 15.28 -7.00 10.06
CA VAL A 127 15.45 -6.37 8.72
C VAL A 127 16.54 -7.10 7.95
N GLU A 128 17.44 -7.81 8.63
CA GLU A 128 18.45 -8.68 7.98
C GLU A 128 17.74 -9.75 7.16
N LYS A 129 16.74 -10.42 7.75
CA LYS A 129 15.89 -11.41 7.04
C LYS A 129 15.10 -10.69 5.94
N LEU A 130 14.48 -9.56 6.24
CA LEU A 130 13.64 -8.84 5.26
C LEU A 130 14.51 -8.35 4.09
N ARG A 131 15.73 -7.88 4.33
CA ARG A 131 16.58 -7.22 3.28
C ARG A 131 16.96 -8.22 2.18
N LEU A 132 16.81 -9.52 2.45
CA LEU A 132 17.09 -10.61 1.50
C LEU A 132 15.94 -10.79 0.53
N VAL A 133 14.76 -10.26 0.82
CA VAL A 133 13.58 -10.59 -0.01
C VAL A 133 12.97 -9.29 -0.53
N LEU A 134 12.68 -8.34 0.36
CA LEU A 134 11.99 -7.09 -0.01
C LEU A 134 12.98 -6.14 -0.62
N PRO A 135 12.47 -5.20 -1.43
CA PRO A 135 13.17 -3.98 -1.76
C PRO A 135 13.63 -3.24 -0.49
N VAL A 136 14.67 -2.45 -0.64
CA VAL A 136 15.26 -1.64 0.45
C VAL A 136 15.26 -0.17 0.01
N ALA A 137 14.91 0.70 0.94
CA ALA A 137 14.93 2.17 0.76
C ALA A 137 16.32 2.51 0.25
N ASP A 138 16.37 3.26 -0.82
CA ASP A 138 17.66 3.72 -1.38
C ASP A 138 17.77 5.22 -1.14
N ALA A 139 18.96 5.65 -0.73
CA ALA A 139 19.31 7.05 -0.40
C ALA A 139 18.97 7.98 -1.57
N GLY A 140 18.88 7.46 -2.80
CA GLY A 140 18.67 8.30 -4.00
C GLY A 140 17.22 8.43 -4.37
N ARG A 141 16.30 7.84 -3.60
CA ARG A 141 14.87 7.76 -4.03
C ARG A 141 14.28 9.15 -4.26
N TRP A 142 14.54 10.11 -3.35
CA TRP A 142 13.75 11.39 -3.34
C TRP A 142 14.31 12.35 -4.40
N ARG A 143 15.63 12.38 -4.61
CA ARG A 143 16.28 13.07 -5.79
C ARG A 143 15.59 12.59 -7.06
N GLY A 144 15.52 11.27 -7.20
CA GLY A 144 14.84 10.60 -8.30
C GLY A 144 13.45 11.16 -8.47
N PHE A 145 12.66 11.09 -7.40
CA PHE A 145 11.25 11.56 -7.50
C PHE A 145 11.23 13.06 -7.92
N ALA A 146 12.15 13.85 -7.43
CA ALA A 146 12.16 15.33 -7.65
C ALA A 146 12.39 15.61 -9.15
N GLY A 147 13.40 14.97 -9.75
CA GLY A 147 13.65 14.92 -11.21
C GLY A 147 12.38 14.71 -12.02
N ARG A 148 11.61 13.66 -11.72
CA ARG A 148 10.39 13.29 -12.48
C ARG A 148 9.28 14.29 -12.20
N VAL A 149 9.24 14.88 -11.01
CA VAL A 149 8.18 15.89 -10.73
C VAL A 149 8.47 17.13 -11.62
N ARG A 150 9.75 17.45 -11.78
CA ARG A 150 10.21 18.67 -12.51
C ARG A 150 9.98 18.46 -14.01
N ALA A 151 10.49 17.35 -14.57
CA ALA A 151 10.22 16.86 -15.94
C ALA A 151 8.74 16.94 -16.28
N THR A 152 7.86 16.48 -15.41
CA THR A 152 6.50 16.08 -15.82
C THR A 152 5.43 17.06 -15.33
N LEU A 153 5.56 17.59 -14.11
CA LEU A 153 4.44 18.42 -13.58
C LEU A 153 4.79 19.92 -13.55
N PHE A 154 6.05 20.30 -13.43
CA PHE A 154 6.43 21.74 -13.22
C PHE A 154 5.81 22.61 -14.32
N PRO A 155 5.97 22.25 -15.62
CA PRO A 155 5.36 23.03 -16.73
C PRO A 155 3.86 23.26 -16.63
N LEU A 156 3.17 22.48 -15.79
CA LEU A 156 1.70 22.56 -15.60
C LEU A 156 1.33 23.44 -14.41
N MET A 157 2.33 23.91 -13.67
CA MET A 157 2.12 24.65 -12.40
C MET A 157 2.27 26.16 -12.66
N SER A 158 1.59 26.99 -11.87
CA SER A 158 1.95 28.41 -11.62
C SER A 158 3.39 28.49 -11.12
N GLU A 159 3.94 29.69 -11.03
CA GLU A 159 5.31 29.89 -10.52
C GLU A 159 5.31 29.64 -9.01
N ASP A 160 4.22 30.01 -8.33
CA ASP A 160 4.01 29.79 -6.88
C ASP A 160 3.89 28.28 -6.64
N GLY A 161 3.17 27.57 -7.52
CA GLY A 161 3.16 26.10 -7.51
C GLY A 161 4.58 25.54 -7.49
N ARG A 162 5.41 25.92 -8.45
CA ARG A 162 6.80 25.41 -8.55
C ARG A 162 7.57 25.69 -7.26
N ALA A 163 7.34 26.83 -6.60
CA ALA A 163 8.17 27.25 -5.47
C ALA A 163 7.78 26.38 -4.25
N ARG A 164 6.48 26.22 -4.03
CA ARG A 164 5.90 25.29 -3.04
C ARG A 164 6.47 23.88 -3.27
N ALA A 165 6.39 23.35 -4.50
CA ALA A 165 6.86 21.99 -4.80
C ALA A 165 8.33 21.90 -4.52
N GLU A 166 9.15 22.90 -4.87
CA GLU A 166 10.63 22.78 -4.60
C GLU A 166 10.90 22.61 -3.08
N ARG A 167 10.14 23.30 -2.26
CA ARG A 167 10.24 23.24 -0.76
C ARG A 167 9.84 21.82 -0.29
N GLU A 168 8.71 21.31 -0.80
CA GLU A 168 8.21 19.96 -0.40
C GLU A 168 9.19 18.90 -0.87
N LEU A 169 9.64 18.97 -2.13
CA LEU A 169 10.67 18.04 -2.67
C LEU A 169 11.94 18.10 -1.84
N ALA A 170 12.41 19.32 -1.55
CA ALA A 170 13.65 19.50 -0.75
C ALA A 170 13.49 18.93 0.69
N ALA A 171 12.32 19.10 1.32
CA ALA A 171 12.19 18.54 2.69
C ALA A 171 12.38 17.01 2.62
N ALA A 172 11.88 16.38 1.54
CA ALA A 172 12.03 14.92 1.35
C ALA A 172 13.49 14.56 1.06
N VAL A 173 14.13 15.27 0.12
CA VAL A 173 15.56 15.01 -0.23
C VAL A 173 16.42 15.26 1.01
N ALA A 174 16.07 16.21 1.88
CA ALA A 174 16.88 16.55 3.09
C ALA A 174 16.96 15.37 4.08
N MET A 175 16.01 14.44 4.06
CA MET A 175 15.95 13.39 5.12
C MET A 175 17.14 12.46 4.95
N ASP A 176 17.80 12.15 6.04
CA ASP A 176 18.87 11.12 5.99
C ASP A 176 18.19 9.77 5.80
N HIS A 177 19.02 8.77 5.56
CA HIS A 177 18.60 7.45 5.07
C HIS A 177 18.24 6.58 6.27
N VAL A 178 17.01 6.08 6.31
CA VAL A 178 16.54 5.15 7.37
C VAL A 178 15.98 3.86 6.74
N ALA A 179 16.54 2.73 7.13
CA ALA A 179 16.13 1.37 6.70
C ALA A 179 16.19 0.43 7.91
N THR A 180 15.24 0.56 8.84
CA THR A 180 15.27 -0.17 10.14
C THR A 180 13.99 -0.97 10.37
N GLY A 181 13.00 -0.88 9.49
CA GLY A 181 11.81 -1.72 9.63
C GLY A 181 11.10 -1.94 8.34
N LEU A 182 10.08 -2.77 8.44
CA LEU A 182 9.10 -3.02 7.38
C LEU A 182 8.26 -1.77 7.24
N VAL A 183 8.02 -1.40 5.99
CA VAL A 183 7.14 -0.33 5.53
C VAL A 183 6.19 -0.94 4.52
N HIS A 184 4.90 -0.74 4.71
CA HIS A 184 3.84 -1.18 3.80
C HIS A 184 3.82 -0.28 2.57
N GLY A 185 3.67 1.03 2.77
CA GLY A 185 3.84 2.01 1.67
C GLY A 185 2.54 2.54 1.13
N ASP A 186 1.42 1.99 1.57
CA ASP A 186 0.08 2.57 1.28
C ASP A 186 -0.83 2.21 2.45
N LEU A 187 -0.39 2.53 3.66
CA LEU A 187 -1.15 2.19 4.87
C LEU A 187 -2.28 3.22 5.02
N GLY A 188 -3.35 2.89 5.75
CA GLY A 188 -4.60 3.66 5.60
C GLY A 188 -4.91 3.98 4.13
N GLY A 189 -4.83 2.99 3.26
CA GLY A 189 -5.54 3.00 1.97
C GLY A 189 -6.85 2.24 2.11
N GLU A 190 -7.35 1.75 0.98
CA GLU A 190 -8.53 0.86 0.93
C GLU A 190 -8.04 -0.60 1.06
N ASN A 191 -6.76 -0.84 1.32
CA ASN A 191 -6.17 -2.20 1.26
C ASN A 191 -5.92 -2.66 2.73
N VAL A 192 -6.16 -1.78 3.69
CA VAL A 192 -6.20 -2.03 5.16
C VAL A 192 -7.64 -2.34 5.61
N LEU A 193 -7.90 -3.58 6.04
CA LEU A 193 -9.29 -4.06 6.30
C LEU A 193 -9.59 -4.19 7.80
N TRP A 194 -10.78 -3.77 8.18
CA TRP A 194 -11.33 -3.73 9.55
C TRP A 194 -12.68 -4.46 9.62
N GLN A 195 -13.02 -4.97 10.79
CA GLN A 195 -14.32 -5.59 11.10
C GLN A 195 -14.76 -5.08 12.48
N GLN A 196 -16.07 -5.00 12.72
CA GLN A 196 -16.63 -4.80 14.08
C GLN A 196 -16.46 -6.10 14.83
N VAL A 197 -15.64 -6.12 15.86
CA VAL A 197 -15.50 -7.31 16.74
C VAL A 197 -16.10 -6.95 18.10
N GLU A 198 -17.28 -7.49 18.39
CA GLU A 198 -18.02 -7.15 19.64
C GLU A 198 -18.12 -5.65 19.77
N GLU A 199 -18.52 -5.00 18.68
CA GLU A 199 -18.96 -3.58 18.63
C GLU A 199 -17.78 -2.60 18.72
N LEU A 200 -16.53 -3.03 18.51
CA LEU A 200 -15.38 -2.10 18.38
C LEU A 200 -14.51 -2.48 17.17
N PRO A 201 -13.86 -1.49 16.52
CA PRO A 201 -13.04 -1.79 15.34
C PRO A 201 -11.89 -2.73 15.73
N ARG A 202 -11.61 -3.67 14.84
CA ARG A 202 -10.40 -4.51 14.85
C ARG A 202 -9.80 -4.43 13.44
N LEU A 203 -8.50 -4.17 13.33
CA LEU A 203 -7.74 -4.20 12.05
C LEU A 203 -7.45 -5.69 11.81
N THR A 204 -8.21 -6.29 10.91
CA THR A 204 -8.14 -7.77 10.71
C THR A 204 -7.20 -8.14 9.55
N GLY A 205 -7.06 -7.30 8.53
CA GLY A 205 -6.21 -7.68 7.39
C GLY A 205 -5.58 -6.53 6.69
N ILE A 206 -4.45 -6.80 6.04
CA ILE A 206 -3.78 -5.83 5.15
C ILE A 206 -3.43 -6.57 3.85
N VAL A 207 -3.97 -6.04 2.76
CA VAL A 207 -3.76 -6.55 1.39
C VAL A 207 -2.83 -5.54 0.71
N ASP A 208 -2.28 -5.98 -0.38
CA ASP A 208 -1.53 -5.11 -1.30
C ASP A 208 -0.20 -4.78 -0.64
N TRP A 209 0.67 -5.79 -0.55
CA TRP A 209 2.08 -5.64 -0.14
C TRP A 209 3.06 -5.35 -1.29
N ASP A 210 2.58 -4.83 -2.42
CA ASP A 210 3.39 -4.61 -3.66
C ASP A 210 4.50 -3.58 -3.43
N GLU A 211 4.21 -2.50 -2.70
CA GLU A 211 5.15 -1.39 -2.46
C GLU A 211 5.96 -1.64 -1.18
N ALA A 212 5.88 -2.81 -0.57
CA ALA A 212 6.48 -3.04 0.77
C ALA A 212 8.00 -2.98 0.62
N LYS A 213 8.68 -2.52 1.66
CA LYS A 213 10.16 -2.54 1.66
C LYS A 213 10.71 -2.42 3.09
N VAL A 214 12.02 -2.59 3.23
CA VAL A 214 12.82 -2.15 4.39
C VAL A 214 13.05 -0.65 4.23
N GLY A 215 12.68 0.12 5.24
CA GLY A 215 12.58 1.58 5.14
C GLY A 215 12.45 2.26 6.49
N ASP A 216 11.80 3.39 6.43
CA ASP A 216 11.64 4.38 7.50
C ASP A 216 10.27 4.20 8.17
N PRO A 217 10.18 3.87 9.48
CA PRO A 217 8.86 3.81 10.15
C PRO A 217 7.99 5.05 9.98
N ALA A 218 8.61 6.19 9.72
CA ALA A 218 7.87 7.47 9.59
C ALA A 218 6.97 7.48 8.37
N GLU A 219 7.37 6.76 7.33
CA GLU A 219 6.64 6.85 6.05
C GLU A 219 5.20 6.32 6.25
N ASP A 220 5.01 5.15 6.87
CA ASP A 220 3.61 4.67 7.11
C ASP A 220 2.85 5.59 8.08
N LEU A 221 3.52 6.20 9.02
CA LEU A 221 2.81 7.11 9.97
C LEU A 221 2.28 8.29 9.18
N ALA A 222 3.03 8.76 8.17
CA ALA A 222 2.59 9.91 7.35
C ALA A 222 1.28 9.56 6.66
N ALA A 223 1.18 8.35 6.13
CA ALA A 223 -0.02 7.95 5.38
C ALA A 223 -1.24 7.82 6.30
N VAL A 224 -1.03 7.37 7.53
CA VAL A 224 -2.17 7.21 8.48
C VAL A 224 -2.70 8.61 8.75
N GLY A 225 -1.80 9.55 8.93
CA GLY A 225 -2.17 10.97 9.15
C GLY A 225 -2.94 11.56 8.00
N ALA A 226 -2.53 11.29 6.76
CA ALA A 226 -3.18 11.88 5.58
C ALA A 226 -4.57 11.30 5.46
N SER A 227 -4.74 10.03 5.80
CA SER A 227 -6.05 9.36 5.62
C SER A 227 -7.03 9.70 6.76
N TYR A 228 -6.54 9.93 7.97
CA TYR A 228 -7.42 9.89 9.17
C TYR A 228 -7.37 11.17 9.99
N GLY A 229 -6.46 12.08 9.68
CA GLY A 229 -6.37 13.40 10.29
C GLY A 229 -5.35 13.42 11.43
N PRO A 230 -5.05 14.62 11.96
CA PRO A 230 -3.97 14.79 12.93
C PRO A 230 -4.32 14.15 14.29
N GLU A 231 -5.59 14.21 14.70
CA GLU A 231 -5.99 13.69 16.04
C GLU A 231 -5.56 12.23 16.09
N LEU A 232 -5.87 11.44 15.05
CA LEU A 232 -5.61 9.99 15.10
C LEU A 232 -4.09 9.77 15.07
N VAL A 233 -3.36 10.44 14.19
CA VAL A 233 -1.92 10.10 14.05
C VAL A 233 -1.20 10.59 15.31
N GLU A 234 -1.64 11.67 15.94
CA GLU A 234 -1.03 12.09 17.26
C GLU A 234 -1.16 10.96 18.29
N ARG A 235 -2.29 10.28 18.33
CA ARG A 235 -2.49 9.18 19.31
C ARG A 235 -1.58 8.02 18.95
N VAL A 236 -1.49 7.68 17.66
CA VAL A 236 -0.63 6.53 17.29
C VAL A 236 0.80 6.88 17.65
N VAL A 237 1.22 8.09 17.29
CA VAL A 237 2.62 8.52 17.58
C VAL A 237 2.87 8.46 19.10
N ALA A 238 1.92 8.93 19.91
CA ALA A 238 2.14 8.99 21.38
C ALA A 238 2.26 7.56 21.92
N LEU A 239 1.41 6.66 21.47
CA LEU A 239 1.53 5.24 21.85
C LEU A 239 2.88 4.69 21.42
N LEU A 240 3.35 5.00 20.18
CA LEU A 240 4.64 4.42 19.70
C LEU A 240 5.82 5.09 20.39
N GLY A 241 5.65 6.25 21.02
CA GLY A 241 6.84 6.97 21.52
C GLY A 241 7.65 7.51 20.35
N ALA A 242 7.00 7.92 19.27
CA ALA A 242 7.64 8.25 17.98
C ALA A 242 7.58 9.77 17.76
N GLY A 243 7.51 10.54 18.86
CA GLY A 243 7.54 12.01 18.84
C GLY A 243 8.74 12.58 18.07
N ASP A 244 9.89 11.91 18.06
CA ASP A 244 11.09 12.37 17.32
C ASP A 244 10.88 12.28 15.80
N LEU A 245 9.89 11.53 15.30
CA LEU A 245 9.67 11.31 13.84
C LEU A 245 8.91 12.48 13.19
N TRP A 246 8.34 13.44 13.94
CA TRP A 246 7.40 14.40 13.33
C TRP A 246 7.99 15.09 12.08
N PRO A 247 9.24 15.59 12.07
CA PRO A 247 9.76 16.31 10.90
C PRO A 247 9.82 15.38 9.66
N ARG A 248 10.20 14.12 9.85
CA ARG A 248 10.18 13.09 8.78
C ARG A 248 8.75 12.88 8.35
N ILE A 249 7.84 12.75 9.31
CA ILE A 249 6.40 12.52 8.98
C ILE A 249 5.96 13.65 8.08
N ARG A 250 6.27 14.89 8.45
CA ARG A 250 5.73 16.05 7.69
C ARG A 250 6.36 16.11 6.26
N ALA A 251 7.64 15.81 6.14
CA ALA A 251 8.38 15.70 4.85
C ALA A 251 7.70 14.68 3.93
N TYR A 252 7.35 13.48 4.40
CA TYR A 252 6.57 12.50 3.60
C TYR A 252 5.26 13.14 3.17
N GLN A 253 4.54 13.70 4.13
CA GLN A 253 3.17 14.19 3.86
C GLN A 253 3.23 15.33 2.85
N GLY A 254 4.31 16.12 2.84
CA GLY A 254 4.37 17.26 1.91
C GLY A 254 4.50 16.80 0.45
N THR A 255 4.89 15.55 0.21
CA THR A 255 5.11 14.97 -1.14
C THR A 255 3.90 14.21 -1.70
N PHE A 256 2.80 14.08 -0.95
CA PHE A 256 1.68 13.16 -1.28
C PHE A 256 0.89 13.70 -2.48
N ALA A 257 0.53 14.98 -2.50
CA ALA A 257 -0.15 15.60 -3.67
C ALA A 257 0.73 15.44 -4.91
N LEU A 258 2.05 15.59 -4.81
CA LEU A 258 2.90 15.47 -5.99
C LEU A 258 2.95 13.99 -6.41
N GLN A 259 2.94 13.05 -5.45
CA GLN A 259 3.06 11.58 -5.72
C GLN A 259 1.85 11.16 -6.55
N GLN A 260 0.69 11.65 -6.13
CA GLN A 260 -0.62 11.52 -6.78
C GLN A 260 -0.46 11.96 -8.24
N ALA A 261 -0.12 13.23 -8.44
CA ALA A 261 -0.01 13.88 -9.75
C ALA A 261 0.96 13.08 -10.64
N LEU A 262 2.16 12.79 -10.15
CA LEU A 262 3.22 12.14 -10.95
C LEU A 262 2.80 10.73 -11.40
N ALA A 263 2.00 10.03 -10.58
CA ALA A 263 1.51 8.66 -10.86
C ALA A 263 0.31 8.74 -11.79
N GLY A 264 -0.63 9.69 -11.59
CA GLY A 264 -1.65 10.05 -12.59
C GLY A 264 -1.07 10.12 -14.00
N ALA A 265 -0.07 10.97 -14.21
CA ALA A 265 0.61 11.11 -15.53
C ALA A 265 1.21 9.77 -15.93
N GLU A 266 2.23 9.29 -15.19
CA GLU A 266 3.11 8.14 -15.54
C GLU A 266 2.27 6.87 -15.83
N ASP A 267 1.10 6.74 -15.19
CA ASP A 267 0.15 5.59 -15.33
C ASP A 267 -0.90 5.95 -16.41
N GLY A 268 -1.66 7.04 -16.22
CA GLY A 268 -2.58 7.60 -17.23
C GLY A 268 -3.97 7.94 -16.71
N ASP A 269 -4.13 8.11 -15.39
CA ASP A 269 -5.39 8.58 -14.76
C ASP A 269 -5.41 10.12 -14.84
N ASP A 270 -6.42 10.66 -15.52
CA ASP A 270 -6.68 12.13 -15.67
C ASP A 270 -7.12 12.75 -14.34
N GLU A 271 -7.92 12.04 -13.54
CA GLU A 271 -8.57 12.61 -12.33
C GLU A 271 -7.51 12.74 -11.22
N GLU A 272 -6.52 11.84 -11.22
CA GLU A 272 -5.41 11.80 -10.22
C GLU A 272 -4.46 12.97 -10.55
N LEU A 273 -3.70 12.83 -11.65
CA LEU A 273 -2.89 13.92 -12.29
C LEU A 273 -3.58 15.27 -12.04
N GLU A 274 -4.85 15.45 -12.39
CA GLU A 274 -5.58 16.72 -12.15
C GLU A 274 -5.49 17.08 -10.67
N ASP A 275 -6.01 16.21 -9.78
CA ASP A 275 -6.35 16.57 -8.38
C ASP A 275 -5.10 16.81 -7.53
N GLY A 276 -4.00 16.11 -7.81
CA GLY A 276 -2.69 16.37 -7.18
C GLY A 276 -2.29 17.84 -7.32
N LEU A 277 -2.24 18.29 -8.58
CA LEU A 277 -1.77 19.64 -9.01
C LEU A 277 -2.67 20.76 -8.50
N THR A 278 -3.83 20.49 -7.89
CA THR A 278 -4.82 21.56 -7.66
C THR A 278 -4.17 22.69 -6.84
N ALA A 279 -3.27 22.39 -5.89
CA ALA A 279 -2.63 23.38 -4.98
C ALA A 279 -1.39 24.03 -5.62
N TYR A 280 -0.98 23.58 -6.81
CA TYR A 280 0.24 24.00 -7.54
C TYR A 280 -0.12 24.84 -8.78
N ARG A 281 -1.41 25.19 -8.93
CA ARG A 281 -2.03 26.03 -10.00
C ARG A 281 -2.88 27.13 -9.32
N LYS A 282 -3.87 27.70 -10.04
CA LYS A 282 -4.95 28.58 -9.49
C LYS A 282 -6.33 28.12 -10.00
N LEU A 283 -7.39 28.51 -9.29
CA LEU A 283 -8.82 28.23 -9.63
C LEU A 283 -9.14 28.83 -11.01
PG ATP B . -2.48 -1.03 -6.18
O1G ATP B . -1.17 -1.55 -5.62
O2G ATP B . -3.51 -0.78 -5.09
O3G ATP B . -2.30 0.16 -7.10
PB ATP B . -4.55 -2.80 -7.45
O1B ATP B . -5.57 -1.99 -6.71
O2B ATP B . -4.67 -2.96 -8.94
O3B ATP B . -3.09 -2.23 -7.11
PA ATP B . -4.68 -5.81 -7.26
O1A ATP B . -4.39 -6.69 -6.09
O2A ATP B . -3.90 -6.04 -8.51
O3A ATP B . -4.49 -4.27 -6.80
O5' ATP B . -6.25 -5.86 -7.60
C5' ATP B . -7.13 -6.84 -6.99
C4' ATP B . -7.97 -6.19 -5.91
O4' ATP B . -8.74 -7.22 -5.24
C3' ATP B . -7.22 -5.44 -4.80
O3' ATP B . -7.24 -4.03 -4.98
C2' ATP B . -7.98 -5.78 -3.52
O2' ATP B . -9.00 -4.86 -3.20
C1' ATP B . -8.58 -7.14 -3.84
N9 ATP B . -7.76 -8.27 -3.39
C8 ATP B . -6.75 -8.94 -4.07
N7 ATP B . -6.25 -9.94 -3.37
C5 ATP B . -6.96 -9.92 -2.17
C6 ATP B . -6.90 -10.75 -1.02
N6 ATP B . -6.08 -11.79 -0.94
N1 ATP B . -7.76 -10.46 0.01
C2 ATP B . -8.60 -9.43 -0.14
N3 ATP B . -8.76 -8.60 -1.17
C4 ATP B . -7.90 -8.90 -2.17
#